data_8BWE
#
_entry.id   8BWE
#
_cell.length_a   63.316
_cell.length_b   147.471
_cell.length_c   76.968
_cell.angle_alpha   90.00
_cell.angle_beta   90.00
_cell.angle_gamma   90.00
#
_symmetry.space_group_name_H-M   'C 2 2 2'
#
loop_
_entity.id
_entity.type
_entity.pdbx_description
1 polymer '14-3-3 protein sigma'
2 polymer 'Carbohydrate-responsive element-binding protein'
3 non-polymer 'MAGNESIUM ION'
4 non-polymer '[2-[2-[[2,2-bis(fluoranyl)-2-(3-fluorophenyl)ethyl]amino]-2-oxidanylidene-ethoxy]phenyl]phosphonic acid'
5 water water
#
loop_
_entity_poly.entity_id
_entity_poly.type
_entity_poly.pdbx_seq_one_letter_code
_entity_poly.pdbx_strand_id
1 'polypeptide(L)'
;GAMGSMERASLIQKAKLAEQAERYEDMAAFMKGAVEKGEELSCEERNLLSVAYKNVVGGQRAAWRVLSSIEQKSNEEGSE
EKGPEVREYREKVETELQGVCDTVLGLLDSHLIKEAGDAESRVFYLKMKGDYYRYLAEVATGDDKKRIIDSARSAYQEAM
DISKKEMPPTNPIRLGLALNFSVFHYEIANSPEEAISLAKTTFDEAMADLHTLSEDSYKDSTLIMQLLRDNLTLWT
;
A
2 'polypeptide(L)' RDKIRLNNAIWRAWYIQY B
#
loop_
_chem_comp.id
_chem_comp.type
_chem_comp.name
_chem_comp.formula
MG non-polymer 'MAGNESIUM ION' 'Mg 2'
UH9 non-polymer '[2-[2-[[2,2-bis(fluoranyl)-2-(3-fluorophenyl)ethyl]amino]-2-oxidanylidene-ethoxy]phenyl]phosphonic acid' 'C16 H15 F3 N O5 P'
#
# COMPACT_ATOMS: atom_id res chain seq x y z
N GLY A 1 -10.02 -12.58 -19.52
CA GLY A 1 -10.76 -13.08 -18.38
C GLY A 1 -12.27 -12.91 -18.53
N ALA A 2 -12.97 -12.85 -17.40
CA ALA A 2 -14.40 -12.59 -17.36
C ALA A 2 -14.77 -11.17 -17.79
N MET A 3 -13.79 -10.25 -17.80
CA MET A 3 -14.03 -8.85 -18.14
C MET A 3 -13.68 -8.52 -19.59
N GLY A 4 -13.27 -9.54 -20.35
CA GLY A 4 -12.75 -9.34 -21.71
C GLY A 4 -13.76 -8.78 -22.70
N SER A 5 -15.04 -9.17 -22.55
CA SER A 5 -16.06 -8.73 -23.49
C SER A 5 -16.69 -7.38 -23.15
N MET A 6 -16.39 -6.84 -21.96
CA MET A 6 -17.03 -5.61 -21.53
C MET A 6 -16.19 -4.40 -21.95
N GLU A 7 -16.86 -3.35 -22.45
CA GLU A 7 -16.21 -2.11 -22.83
C GLU A 7 -15.37 -1.53 -21.69
N ARG A 8 -14.20 -0.96 -22.03
CA ARG A 8 -13.34 -0.29 -21.07
C ARG A 8 -14.08 0.79 -20.27
N ALA A 9 -14.90 1.61 -20.94
CA ALA A 9 -15.62 2.68 -20.24
C ALA A 9 -16.65 2.13 -19.27
N SER A 10 -17.27 1.00 -19.60
CA SER A 10 -18.21 0.31 -18.71
C SER A 10 -17.54 -0.28 -17.48
N LEU A 11 -16.33 -0.84 -17.66
CA LEU A 11 -15.53 -1.32 -16.56
C LEU A 11 -15.18 -0.24 -15.52
N ILE A 12 -14.66 0.90 -16.00
CA ILE A 12 -14.42 2.06 -15.14
C ILE A 12 -15.65 2.50 -14.38
N GLN A 13 -16.77 2.61 -15.10
CA GLN A 13 -18.05 3.01 -14.52
C GLN A 13 -18.50 2.07 -13.39
N LYS A 14 -18.42 0.76 -13.65
CA LYS A 14 -18.81 -0.24 -12.68
C LYS A 14 -17.87 -0.31 -11.49
N ALA A 15 -16.58 0.02 -11.71
CA ALA A 15 -15.64 0.13 -10.60
C ALA A 15 -16.04 1.27 -9.66
N LYS A 16 -16.54 2.37 -10.25
CA LYS A 16 -16.97 3.52 -9.46
C LYS A 16 -18.23 3.15 -8.68
N LEU A 17 -19.15 2.41 -9.31
CA LEU A 17 -20.31 1.88 -8.64
C LEU A 17 -19.96 0.92 -7.51
N ALA A 18 -19.00 0.03 -7.75
CA ALA A 18 -18.51 -0.87 -6.72
C ALA A 18 -17.88 -0.13 -5.53
N GLU A 19 -17.13 0.95 -5.80
CA GLU A 19 -16.60 1.79 -4.73
C GLU A 19 -17.71 2.37 -3.84
N GLN A 20 -18.73 2.95 -4.48
CA GLN A 20 -19.87 3.47 -3.77
C GLN A 20 -20.56 2.43 -2.89
N ALA A 21 -20.76 1.20 -3.41
CA ALA A 21 -21.34 0.12 -2.63
C ALA A 21 -20.34 -0.62 -1.74
N GLU A 22 -19.09 -0.14 -1.67
CA GLU A 22 -18.03 -0.75 -0.87
C GLU A 22 -17.81 -2.23 -1.19
N ARG A 23 -17.87 -2.57 -2.49
CA ARG A 23 -17.61 -3.93 -2.97
C ARG A 23 -16.22 -3.95 -3.59
N TYR A 24 -15.19 -3.95 -2.74
CA TYR A 24 -13.83 -3.71 -3.19
C TYR A 24 -13.27 -4.87 -4.00
N GLU A 25 -13.76 -6.09 -3.77
CA GLU A 25 -13.38 -7.23 -4.60
C GLU A 25 -13.81 -7.05 -6.06
N ASP A 26 -15.10 -6.70 -6.26
CA ASP A 26 -15.63 -6.36 -7.57
C ASP A 26 -14.94 -5.14 -8.19
N MET A 27 -14.71 -4.11 -7.38
CA MET A 27 -14.03 -2.91 -7.83
C MET A 27 -12.68 -3.29 -8.43
N ALA A 28 -11.91 -4.11 -7.70
CA ALA A 28 -10.62 -4.55 -8.17
C ALA A 28 -10.72 -5.30 -9.50
N ALA A 29 -11.72 -6.19 -9.59
CA ALA A 29 -11.89 -7.03 -10.78
C ALA A 29 -12.24 -6.19 -12.00
N PHE A 30 -13.09 -5.18 -11.82
CA PHE A 30 -13.41 -4.26 -12.89
C PHE A 30 -12.17 -3.48 -13.38
N MET A 31 -11.32 -3.04 -12.43
CA MET A 31 -10.13 -2.26 -12.77
C MET A 31 -9.04 -3.15 -13.40
N LYS A 32 -8.99 -4.42 -12.99
CA LYS A 32 -8.06 -5.38 -13.60
C LYS A 32 -8.50 -5.52 -15.06
N GLY A 33 -9.79 -5.73 -15.28
CA GLY A 33 -10.37 -5.69 -16.61
C GLY A 33 -10.01 -4.48 -17.47
N ALA A 34 -10.10 -3.28 -16.88
CA ALA A 34 -9.71 -2.06 -17.57
C ALA A 34 -8.22 -2.03 -17.93
N VAL A 35 -7.36 -2.38 -16.96
CA VAL A 35 -5.93 -2.40 -17.16
C VAL A 35 -5.56 -3.36 -18.30
N GLU A 36 -6.28 -4.49 -18.38
CA GLU A 36 -6.03 -5.47 -19.44
C GLU A 36 -6.41 -5.04 -20.86
N LYS A 37 -7.11 -3.92 -21.02
CA LYS A 37 -7.39 -3.38 -22.34
C LYS A 37 -6.12 -2.84 -23.00
N GLY A 38 -5.07 -2.61 -22.19
CA GLY A 38 -3.76 -2.27 -22.70
C GLY A 38 -3.54 -0.77 -22.90
N GLU A 39 -4.47 0.07 -22.43
CA GLU A 39 -4.30 1.51 -22.54
C GLU A 39 -3.86 2.11 -21.22
N GLU A 40 -3.10 3.22 -21.30
CA GLU A 40 -2.71 3.98 -20.12
C GLU A 40 -3.90 4.30 -19.25
N LEU A 41 -3.67 4.37 -17.94
CA LEU A 41 -4.66 4.87 -17.00
C LEU A 41 -4.42 6.36 -16.78
N SER A 42 -5.50 7.14 -16.68
CA SER A 42 -5.40 8.52 -16.22
C SER A 42 -5.17 8.59 -14.71
N CYS A 43 -4.94 9.80 -14.20
CA CYS A 43 -4.83 10.03 -12.76
C CYS A 43 -6.02 9.45 -11.98
N GLU A 44 -7.24 9.66 -12.49
CA GLU A 44 -8.43 9.23 -11.79
C GLU A 44 -8.52 7.70 -11.75
N GLU A 45 -8.19 7.06 -12.87
CA GLU A 45 -8.24 5.61 -12.98
C GLU A 45 -7.20 4.89 -12.13
N ARG A 46 -5.96 5.40 -12.11
CA ARG A 46 -4.90 4.89 -11.24
C ARG A 46 -5.32 4.88 -9.78
N ASN A 47 -5.97 5.96 -9.35
CA ASN A 47 -6.48 6.03 -7.99
C ASN A 47 -7.59 4.99 -7.73
N LEU A 48 -8.45 4.72 -8.72
CA LEU A 48 -9.47 3.70 -8.57
C LEU A 48 -8.86 2.30 -8.41
N LEU A 49 -7.86 2.01 -9.24
CA LEU A 49 -7.02 0.82 -9.12
C LEU A 49 -6.44 0.63 -7.73
N SER A 50 -5.77 1.68 -7.23
CA SER A 50 -5.13 1.65 -5.93
C SER A 50 -6.12 1.46 -4.79
N VAL A 51 -7.22 2.23 -4.81
CA VAL A 51 -8.26 2.16 -3.80
C VAL A 51 -8.80 0.72 -3.67
N ALA A 52 -9.07 0.06 -4.81
CA ALA A 52 -9.69 -1.26 -4.83
C ALA A 52 -8.81 -2.28 -4.12
N TYR A 53 -7.56 -2.42 -4.59
CA TYR A 53 -6.65 -3.43 -4.08
C TYR A 53 -6.10 -3.12 -2.69
N LYS A 54 -5.93 -1.84 -2.35
CA LYS A 54 -5.52 -1.47 -1.00
C LYS A 54 -6.56 -1.91 0.02
N ASN A 55 -7.83 -1.75 -0.32
CA ASN A 55 -8.96 -2.14 0.50
C ASN A 55 -9.16 -3.65 0.54
N VAL A 56 -8.89 -4.34 -0.58
CA VAL A 56 -8.99 -5.79 -0.58
C VAL A 56 -7.93 -6.37 0.35
N VAL A 57 -6.66 -5.98 0.13
CA VAL A 57 -5.55 -6.51 0.90
C VAL A 57 -5.59 -5.99 2.34
N GLY A 58 -6.11 -4.77 2.55
CA GLY A 58 -6.26 -4.22 3.90
C GLY A 58 -7.20 -5.07 4.76
N GLY A 59 -8.30 -5.53 4.15
CA GLY A 59 -9.20 -6.48 4.79
C GLY A 59 -8.51 -7.79 5.17
N GLN A 60 -7.72 -8.34 4.24
CA GLN A 60 -7.03 -9.60 4.48
C GLN A 60 -5.98 -9.42 5.59
N ARG A 61 -5.26 -8.29 5.54
CA ARG A 61 -4.29 -7.98 6.58
C ARG A 61 -4.93 -7.87 7.97
N ALA A 62 -6.10 -7.23 8.07
CA ALA A 62 -6.75 -7.03 9.37
C ALA A 62 -7.20 -8.37 9.94
N ALA A 63 -7.75 -9.23 9.06
CA ALA A 63 -8.11 -10.59 9.44
C ALA A 63 -6.89 -11.39 9.87
N TRP A 64 -5.80 -11.26 9.10
CA TRP A 64 -4.56 -11.93 9.43
C TRP A 64 -4.08 -11.53 10.83
N ARG A 65 -4.17 -10.23 11.13
CA ARG A 65 -3.73 -9.70 12.42
C ARG A 65 -4.59 -10.20 13.59
N VAL A 66 -5.91 -10.29 13.38
CA VAL A 66 -6.83 -10.81 14.39
C VAL A 66 -6.49 -12.25 14.74
N LEU A 67 -6.31 -13.08 13.69
CA LEU A 67 -5.98 -14.49 13.84
C LEU A 67 -4.60 -14.67 14.47
N SER A 68 -3.62 -13.89 14.00
CA SER A 68 -2.28 -13.92 14.57
C SER A 68 -2.28 -13.61 16.06
N SER A 69 -3.04 -12.59 16.46
CA SER A 69 -3.08 -12.17 17.85
C SER A 69 -3.74 -13.23 18.73
N ILE A 70 -4.90 -13.74 18.31
CA ILE A 70 -5.55 -14.88 18.94
C ILE A 70 -4.55 -16.03 19.10
N GLU A 71 -3.89 -16.38 18.00
CA GLU A 71 -2.94 -17.47 17.95
C GLU A 71 -1.81 -17.32 18.95
N GLN A 72 -1.43 -16.08 19.26
CA GLN A 72 -0.28 -15.78 20.10
C GLN A 72 -0.63 -15.38 21.53
N LYS A 73 -1.91 -15.50 21.90
CA LYS A 73 -2.34 -15.53 23.29
C LYS A 73 -2.39 -16.98 23.78
N SER A 74 -2.52 -17.92 22.83
CA SER A 74 -2.66 -19.33 23.11
C SER A 74 -1.66 -20.22 22.36
N ASN A 75 -0.50 -19.64 22.01
CA ASN A 75 0.64 -20.40 21.50
C ASN A 75 1.62 -20.63 22.65
N GLU A 76 1.88 -19.57 23.42
CA GLU A 76 2.64 -19.64 24.66
C GLU A 76 2.25 -20.87 25.48
N GLU A 77 3.04 -21.95 25.33
CA GLU A 77 2.62 -23.29 25.67
C GLU A 77 2.54 -23.56 27.17
N GLY A 78 2.14 -24.80 27.52
CA GLY A 78 1.87 -25.19 28.90
C GLY A 78 0.37 -25.27 29.16
N SER A 79 -0.36 -24.29 28.63
CA SER A 79 -1.82 -24.21 28.73
C SER A 79 -2.48 -24.98 27.60
N GLU A 80 -3.72 -24.63 27.28
CA GLU A 80 -4.48 -25.24 26.19
C GLU A 80 -4.04 -24.71 24.83
N GLU A 81 -3.66 -25.64 23.94
CA GLU A 81 -3.62 -25.38 22.51
C GLU A 81 -4.74 -26.23 21.91
N LYS A 82 -5.64 -25.58 21.15
CA LYS A 82 -6.88 -26.20 20.71
C LYS A 82 -6.67 -27.19 19.56
N GLY A 83 -5.41 -27.37 19.16
CA GLY A 83 -5.06 -28.12 17.96
C GLY A 83 -4.65 -27.15 16.85
N PRO A 84 -4.64 -27.60 15.58
CA PRO A 84 -4.06 -26.79 14.51
C PRO A 84 -4.95 -25.69 13.93
N GLU A 85 -6.18 -25.53 14.48
CA GLU A 85 -7.22 -24.79 13.80
C GLU A 85 -6.89 -23.31 13.55
N VAL A 86 -6.32 -22.62 14.55
CA VAL A 86 -5.97 -21.22 14.37
C VAL A 86 -4.89 -21.03 13.30
N ARG A 87 -3.83 -21.86 13.35
CA ARG A 87 -2.75 -21.77 12.38
C ARG A 87 -3.32 -22.03 10.99
N GLU A 88 -4.16 -23.07 10.88
CA GLU A 88 -4.73 -23.51 9.61
C GLU A 88 -5.48 -22.38 8.93
N TYR A 89 -6.35 -21.70 9.68
CA TYR A 89 -7.15 -20.61 9.14
C TYR A 89 -6.27 -19.40 8.81
N ARG A 90 -5.28 -19.12 9.66
CA ARG A 90 -4.36 -18.02 9.38
C ARG A 90 -3.61 -18.27 8.07
N GLU A 91 -3.08 -19.49 7.90
CA GLU A 91 -2.44 -19.89 6.65
C GLU A 91 -3.35 -19.74 5.43
N LYS A 92 -4.66 -19.99 5.60
CA LYS A 92 -5.62 -19.84 4.53
C LYS A 92 -5.75 -18.38 4.09
N VAL A 93 -5.90 -17.50 5.09
CA VAL A 93 -5.94 -16.08 4.86
C VAL A 93 -4.65 -15.59 4.21
N GLU A 94 -3.50 -16.07 4.69
CA GLU A 94 -2.22 -15.72 4.09
C GLU A 94 -2.11 -16.04 2.62
N THR A 95 -2.49 -17.28 2.25
CA THR A 95 -2.48 -17.73 0.87
C THR A 95 -3.32 -16.82 -0.01
N GLU A 96 -4.52 -16.50 0.44
CA GLU A 96 -5.40 -15.57 -0.25
C GLU A 96 -4.78 -14.17 -0.43
N LEU A 97 -4.12 -13.67 0.64
CA LEU A 97 -3.45 -12.38 0.63
C LEU A 97 -2.31 -12.42 -0.38
N GLN A 98 -1.50 -13.48 -0.31
CA GLN A 98 -0.43 -13.70 -1.28
C GLN A 98 -0.93 -13.71 -2.72
N GLY A 99 -2.09 -14.36 -2.95
CA GLY A 99 -2.69 -14.39 -4.27
C GLY A 99 -3.02 -13.01 -4.84
N VAL A 100 -3.59 -12.13 -4.00
CA VAL A 100 -4.06 -10.81 -4.43
C VAL A 100 -2.84 -9.93 -4.70
N CYS A 101 -1.87 -9.97 -3.79
CA CYS A 101 -0.58 -9.31 -3.99
C CYS A 101 0.11 -9.75 -5.27
N ASP A 102 0.08 -11.05 -5.57
CA ASP A 102 0.73 -11.59 -6.75
C ASP A 102 0.04 -11.05 -8.01
N THR A 103 -1.29 -10.86 -7.92
CA THR A 103 -2.09 -10.31 -9.00
C THR A 103 -1.73 -8.86 -9.30
N VAL A 104 -1.69 -8.02 -8.25
CA VAL A 104 -1.38 -6.61 -8.42
C VAL A 104 0.01 -6.49 -9.03
N LEU A 105 0.99 -7.23 -8.49
CA LEU A 105 2.36 -7.14 -8.95
C LEU A 105 2.53 -7.60 -10.40
N GLY A 106 1.67 -8.54 -10.81
CA GLY A 106 1.61 -8.99 -12.20
C GLY A 106 1.07 -7.95 -13.18
N LEU A 107 -0.03 -7.27 -12.83
CA LEU A 107 -0.57 -6.15 -13.58
C LEU A 107 0.44 -5.02 -13.74
N LEU A 108 1.15 -4.70 -12.65
CA LEU A 108 2.17 -3.67 -12.61
C LEU A 108 3.34 -4.03 -13.55
N ASP A 109 3.81 -5.28 -13.48
CA ASP A 109 4.89 -5.74 -14.34
C ASP A 109 4.40 -6.02 -15.76
N SER A 110 3.17 -6.57 -15.88
CA SER A 110 2.46 -6.80 -17.15
C SER A 110 1.10 -6.09 -17.25
N HIS A 111 1.04 -4.77 -17.48
CA HIS A 111 2.11 -3.94 -18.00
C HIS A 111 1.74 -2.48 -17.70
N LEU A 112 1.87 -2.06 -16.44
CA LEU A 112 1.58 -0.67 -16.07
C LEU A 112 2.88 0.10 -16.01
N ILE A 113 3.93 -0.52 -15.46
CA ILE A 113 5.24 0.11 -15.34
C ILE A 113 5.88 0.24 -16.72
N LYS A 114 5.82 -0.83 -17.53
CA LYS A 114 6.26 -0.78 -18.92
C LYS A 114 5.86 0.53 -19.57
N GLU A 115 4.54 0.70 -19.79
CA GLU A 115 4.02 1.68 -20.74
C GLU A 115 3.59 2.99 -20.10
N ALA A 116 4.19 3.34 -18.95
CA ALA A 116 3.96 4.63 -18.32
C ALA A 116 4.71 5.74 -19.08
N GLY A 117 4.28 7.00 -18.88
CA GLY A 117 4.88 8.15 -19.54
C GLY A 117 5.23 9.25 -18.56
N ASP A 118 4.19 9.85 -17.95
CA ASP A 118 4.35 10.72 -16.80
C ASP A 118 5.43 10.23 -15.83
N ALA A 119 6.24 11.17 -15.34
CA ALA A 119 7.07 10.93 -14.17
C ALA A 119 6.14 10.55 -13.02
N GLU A 120 5.01 11.26 -12.93
CA GLU A 120 3.97 10.97 -11.96
C GLU A 120 3.52 9.51 -12.04
N SER A 121 3.30 9.02 -13.26
CA SER A 121 2.77 7.68 -13.46
C SER A 121 3.81 6.62 -13.06
N ARG A 122 5.08 6.82 -13.46
CA ARG A 122 6.13 5.89 -13.11
C ARG A 122 6.29 5.78 -11.59
N VAL A 123 6.29 6.93 -10.91
CA VAL A 123 6.38 6.96 -9.46
C VAL A 123 5.19 6.24 -8.82
N PHE A 124 3.97 6.51 -9.32
CA PHE A 124 2.76 5.95 -8.73
C PHE A 124 2.80 4.42 -8.76
N TYR A 125 3.18 3.83 -9.90
CA TYR A 125 3.30 2.38 -10.02
C TYR A 125 4.48 1.76 -9.28
N LEU A 126 5.65 2.42 -9.28
CA LEU A 126 6.78 1.94 -8.49
C LEU A 126 6.48 1.99 -6.98
N LYS A 127 5.72 3.00 -6.53
CA LYS A 127 5.23 3.03 -5.15
C LYS A 127 4.30 1.86 -4.85
N MET A 128 3.33 1.60 -5.74
CA MET A 128 2.48 0.43 -5.59
C MET A 128 3.27 -0.87 -5.52
N LYS A 129 4.26 -1.04 -6.39
CA LYS A 129 5.14 -2.20 -6.35
C LYS A 129 5.77 -2.39 -4.98
N GLY A 130 6.31 -1.30 -4.43
CA GLY A 130 6.86 -1.29 -3.08
C GLY A 130 5.86 -1.76 -2.04
N ASP A 131 4.64 -1.18 -2.09
CA ASP A 131 3.59 -1.52 -1.15
C ASP A 131 3.20 -3.00 -1.19
N TYR A 132 2.99 -3.56 -2.38
CA TYR A 132 2.47 -4.93 -2.44
C TYR A 132 3.59 -5.92 -2.09
N TYR A 133 4.84 -5.59 -2.40
CA TYR A 133 5.94 -6.36 -1.84
C TYR A 133 5.98 -6.22 -0.32
N ARG A 134 5.84 -5.00 0.23
CA ARG A 134 5.79 -4.84 1.67
C ARG A 134 4.72 -5.73 2.32
N TYR A 135 3.52 -5.81 1.73
CA TYR A 135 2.46 -6.64 2.30
C TYR A 135 2.84 -8.12 2.28
N LEU A 136 3.51 -8.57 1.21
CA LEU A 136 4.03 -9.92 1.16
C LEU A 136 5.06 -10.17 2.26
N ALA A 137 5.92 -9.18 2.51
CA ALA A 137 6.96 -9.30 3.52
C ALA A 137 6.45 -9.49 4.95
N GLU A 138 5.33 -8.81 5.26
CA GLU A 138 4.70 -8.93 6.58
C GLU A 138 4.36 -10.36 6.99
N VAL A 139 4.05 -11.22 5.99
CA VAL A 139 3.72 -12.61 6.27
C VAL A 139 4.72 -13.65 5.74
N ALA A 140 5.77 -13.22 5.03
CA ALA A 140 6.73 -14.16 4.46
C ALA A 140 7.82 -14.58 5.45
N THR A 141 8.54 -15.64 5.09
CA THR A 141 9.67 -16.11 5.88
C THR A 141 10.82 -16.58 4.99
N GLY A 142 12.00 -16.65 5.62
CA GLY A 142 13.18 -17.26 5.03
C GLY A 142 13.69 -16.54 3.80
N ASP A 143 14.19 -17.34 2.85
CA ASP A 143 14.82 -16.83 1.64
C ASP A 143 13.82 -16.01 0.81
N ASP A 144 12.55 -16.47 0.81
CA ASP A 144 11.48 -15.76 0.14
C ASP A 144 11.34 -14.35 0.72
N LYS A 145 11.42 -14.22 2.05
CA LYS A 145 11.32 -12.93 2.73
C LYS A 145 12.41 -11.95 2.30
N LYS A 146 13.67 -12.41 2.27
CA LYS A 146 14.78 -11.59 1.87
C LYS A 146 14.69 -11.14 0.41
N ARG A 147 14.30 -12.05 -0.51
CA ARG A 147 14.01 -11.66 -1.88
C ARG A 147 12.98 -10.51 -1.93
N ILE A 148 11.87 -10.67 -1.20
CA ILE A 148 10.77 -9.73 -1.23
C ILE A 148 11.18 -8.35 -0.68
N ILE A 149 11.96 -8.35 0.40
CA ILE A 149 12.36 -7.10 1.05
C ILE A 149 13.24 -6.30 0.11
N ASP A 150 14.17 -6.96 -0.60
CA ASP A 150 15.03 -6.29 -1.55
C ASP A 150 14.23 -5.80 -2.77
N SER A 151 13.17 -6.55 -3.15
CA SER A 151 12.29 -6.11 -4.22
C SER A 151 11.49 -4.84 -3.87
N ALA A 152 10.94 -4.81 -2.65
CA ALA A 152 10.23 -3.63 -2.16
C ALA A 152 11.16 -2.42 -2.14
N ARG A 153 12.35 -2.61 -1.53
CA ARG A 153 13.29 -1.51 -1.35
C ARG A 153 13.76 -0.97 -2.69
N SER A 154 14.03 -1.87 -3.64
CA SER A 154 14.48 -1.48 -4.96
C SER A 154 13.41 -0.63 -5.67
N ALA A 155 12.13 -1.01 -5.52
CA ALA A 155 11.03 -0.26 -6.11
C ALA A 155 10.82 1.10 -5.43
N TYR A 156 10.82 1.12 -4.10
CA TYR A 156 10.65 2.35 -3.33
C TYR A 156 11.74 3.36 -3.67
N GLN A 157 12.99 2.89 -3.67
CA GLN A 157 14.15 3.75 -3.91
C GLN A 157 14.16 4.38 -5.29
N GLU A 158 13.80 3.62 -6.33
CA GLU A 158 13.68 4.18 -7.66
C GLU A 158 12.56 5.20 -7.77
N ALA A 159 11.43 4.91 -7.11
CA ALA A 159 10.32 5.85 -7.04
C ALA A 159 10.75 7.18 -6.39
N MET A 160 11.55 7.10 -5.31
CA MET A 160 12.01 8.27 -4.57
C MET A 160 12.97 9.14 -5.39
N ASP A 161 13.91 8.46 -6.07
CA ASP A 161 14.88 9.13 -6.93
C ASP A 161 14.19 9.98 -7.99
N ILE A 162 13.21 9.38 -8.68
CA ILE A 162 12.48 10.07 -9.70
C ILE A 162 11.70 11.23 -9.07
N SER A 163 11.04 10.95 -7.95
CA SER A 163 10.15 11.92 -7.33
C SER A 163 10.92 13.17 -6.89
N LYS A 164 12.10 12.98 -6.31
CA LYS A 164 12.96 14.09 -5.91
C LYS A 164 13.44 14.92 -7.09
N LYS A 165 13.60 14.27 -8.24
CA LYS A 165 13.96 14.96 -9.47
C LYS A 165 12.79 15.67 -10.13
N GLU A 166 11.58 15.10 -10.07
CA GLU A 166 10.50 15.47 -10.98
C GLU A 166 9.24 16.10 -10.38
N MET A 167 9.13 16.10 -9.05
CA MET A 167 7.86 16.46 -8.40
C MET A 167 8.15 17.47 -7.31
N PRO A 168 7.24 18.45 -7.10
CA PRO A 168 7.36 19.38 -5.98
C PRO A 168 7.34 18.64 -4.64
N PRO A 169 7.93 19.21 -3.57
CA PRO A 169 8.01 18.53 -2.28
C PRO A 169 6.66 18.32 -1.59
N THR A 170 5.63 19.07 -2.03
CA THR A 170 4.27 18.84 -1.55
C THR A 170 3.40 17.93 -2.44
N ASN A 171 3.95 17.43 -3.55
CA ASN A 171 3.15 16.56 -4.40
C ASN A 171 2.66 15.37 -3.58
N PRO A 172 1.37 14.99 -3.65
CA PRO A 172 0.81 13.96 -2.79
C PRO A 172 1.29 12.55 -3.08
N ILE A 173 1.69 12.30 -4.34
CA ILE A 173 2.28 11.03 -4.71
C ILE A 173 3.69 10.95 -4.13
N ARG A 174 4.45 12.05 -4.30
CA ARG A 174 5.74 12.16 -3.64
C ARG A 174 5.61 11.93 -2.14
N LEU A 175 4.67 12.63 -1.49
CA LEU A 175 4.48 12.53 -0.05
C LEU A 175 4.04 11.12 0.40
N GLY A 176 3.03 10.57 -0.30
CA GLY A 176 2.51 9.24 0.00
C GLY A 176 3.58 8.15 -0.13
N LEU A 177 4.49 8.36 -1.11
CA LEU A 177 5.59 7.43 -1.34
C LEU A 177 6.57 7.50 -0.17
N ALA A 178 6.97 8.70 0.22
CA ALA A 178 7.89 8.84 1.33
C ALA A 178 7.29 8.29 2.62
N LEU A 179 6.02 8.60 2.89
CA LEU A 179 5.28 8.03 4.02
C LEU A 179 5.39 6.51 4.08
N ASN A 180 5.09 5.85 2.96
CA ASN A 180 5.06 4.40 2.91
C ASN A 180 6.47 3.82 2.94
N PHE A 181 7.42 4.49 2.28
CA PHE A 181 8.81 4.06 2.34
C PHE A 181 9.35 4.17 3.78
N SER A 182 8.96 5.21 4.50
CA SER A 182 9.39 5.33 5.89
C SER A 182 8.77 4.22 6.75
N VAL A 183 7.50 3.86 6.46
CA VAL A 183 6.84 2.74 7.12
C VAL A 183 7.57 1.43 6.85
N PHE A 184 8.04 1.24 5.62
CA PHE A 184 8.84 0.08 5.25
C PHE A 184 10.11 -0.01 6.08
N HIS A 185 10.80 1.14 6.26
CA HIS A 185 12.03 1.18 7.05
C HIS A 185 11.74 0.71 8.48
N TYR A 186 10.65 1.21 9.04
CA TYR A 186 10.31 0.95 10.43
C TYR A 186 9.85 -0.50 10.67
N GLU A 187 8.97 -0.98 9.77
CA GLU A 187 8.20 -2.18 10.02
C GLU A 187 8.74 -3.44 9.34
N ILE A 188 9.49 -3.26 8.25
CA ILE A 188 9.98 -4.37 7.44
C ILE A 188 11.51 -4.49 7.49
N ALA A 189 12.20 -3.39 7.21
CA ALA A 189 13.67 -3.38 7.09
C ALA A 189 14.41 -3.22 8.42
N ASN A 190 13.67 -3.19 9.53
CA ASN A 190 14.26 -3.02 10.85
C ASN A 190 15.26 -1.87 10.92
N SER A 191 14.87 -0.73 10.33
CA SER A 191 15.67 0.50 10.35
C SER A 191 14.81 1.65 10.86
N PRO A 192 14.53 1.72 12.19
CA PRO A 192 13.66 2.78 12.74
C PRO A 192 14.24 4.20 12.66
N GLU A 193 15.57 4.31 12.78
CA GLU A 193 16.24 5.59 12.63
C GLU A 193 16.06 6.13 11.21
N GLU A 194 16.27 5.28 10.21
CA GLU A 194 16.10 5.68 8.82
C GLU A 194 14.63 5.99 8.50
N ALA A 195 13.70 5.32 9.19
CA ALA A 195 12.28 5.65 9.13
C ALA A 195 11.96 7.06 9.64
N ILE A 196 12.48 7.38 10.82
CA ILE A 196 12.24 8.66 11.46
C ILE A 196 12.89 9.77 10.63
N SER A 197 14.15 9.55 10.27
CA SER A 197 14.91 10.45 9.40
C SER A 197 14.13 10.84 8.15
N LEU A 198 13.63 9.86 7.41
CA LEU A 198 12.88 10.10 6.18
C LEU A 198 11.58 10.85 6.40
N ALA A 199 10.82 10.44 7.44
CA ALA A 199 9.54 11.04 7.71
C ALA A 199 9.68 12.52 8.08
N LYS A 200 10.74 12.84 8.85
CA LYS A 200 10.99 14.20 9.30
C LYS A 200 11.51 15.09 8.17
N THR A 201 12.50 14.59 7.44
CA THR A 201 12.96 15.22 6.22
C THR A 201 11.82 15.54 5.26
N THR A 202 10.90 14.58 5.05
CA THR A 202 9.81 14.75 4.11
C THR A 202 8.83 15.84 4.56
N PHE A 203 8.52 15.85 5.87
CA PHE A 203 7.60 16.82 6.43
C PHE A 203 8.18 18.23 6.36
N ASP A 204 9.45 18.38 6.76
CA ASP A 204 10.13 19.67 6.83
C ASP A 204 10.34 20.28 5.43
N GLU A 205 10.65 19.44 4.45
CA GLU A 205 10.79 19.92 3.07
C GLU A 205 9.44 20.34 2.48
N ALA A 206 8.37 19.66 2.91
CA ALA A 206 7.02 20.02 2.50
C ALA A 206 6.65 21.40 3.05
N MET A 207 6.92 21.62 4.35
CA MET A 207 6.70 22.91 5.00
C MET A 207 7.52 24.04 4.37
N ALA A 208 8.82 23.78 4.15
CA ALA A 208 9.71 24.76 3.56
C ALA A 208 9.26 25.20 2.16
N ASP A 209 8.60 24.31 1.41
CA ASP A 209 8.05 24.66 0.10
C ASP A 209 6.54 24.50 0.01
N LEU A 210 5.87 24.98 1.06
CA LEU A 210 4.43 24.90 1.18
C LEU A 210 3.71 25.58 0.02
N HIS A 211 4.32 26.65 -0.49
CA HIS A 211 3.78 27.44 -1.59
C HIS A 211 3.54 26.60 -2.84
N THR A 212 4.13 25.40 -2.91
CA THR A 212 3.96 24.55 -4.07
C THR A 212 2.76 23.60 -4.12
N LEU A 213 1.84 23.53 -3.13
CA LEU A 213 0.83 22.55 -3.53
C LEU A 213 -0.32 23.21 -4.27
N SER A 214 -1.03 22.33 -5.00
CA SER A 214 -1.84 22.79 -6.10
C SER A 214 -3.31 22.77 -5.67
N GLU A 215 -4.08 23.65 -6.32
CA GLU A 215 -5.51 23.77 -6.16
C GLU A 215 -6.26 22.45 -6.29
N ASP A 216 -5.68 21.50 -7.05
CA ASP A 216 -6.30 20.20 -7.29
C ASP A 216 -6.15 19.16 -6.18
N SER A 217 -5.04 19.22 -5.43
CA SER A 217 -4.69 18.13 -4.52
C SER A 217 -4.18 18.53 -3.13
N TYR A 218 -4.28 19.82 -2.76
CA TYR A 218 -3.69 20.29 -1.52
C TYR A 218 -4.28 19.57 -0.31
N LYS A 219 -5.56 19.21 -0.40
CA LYS A 219 -6.25 18.45 0.63
C LYS A 219 -5.61 17.08 0.87
N ASP A 220 -5.25 16.39 -0.22
CA ASP A 220 -4.47 15.16 -0.16
C ASP A 220 -3.11 15.39 0.48
N SER A 221 -2.41 16.45 0.05
CA SER A 221 -1.10 16.79 0.56
C SER A 221 -1.11 17.02 2.08
N THR A 222 -2.01 17.89 2.56
CA THR A 222 -2.01 18.26 3.96
C THR A 222 -2.32 17.05 4.85
N LEU A 223 -3.16 16.14 4.36
CA LEU A 223 -3.49 14.94 5.12
C LEU A 223 -2.27 14.04 5.29
N ILE A 224 -1.52 13.80 4.21
CA ILE A 224 -0.33 12.97 4.28
C ILE A 224 0.73 13.62 5.18
N MET A 225 0.84 14.95 5.12
CA MET A 225 1.76 15.68 6.00
C MET A 225 1.40 15.40 7.45
N GLN A 226 0.10 15.47 7.78
CA GLN A 226 -0.37 15.14 9.12
C GLN A 226 -0.11 13.67 9.49
N LEU A 227 -0.31 12.75 8.54
CA LEU A 227 0.04 11.34 8.77
C LEU A 227 1.53 11.14 9.08
N LEU A 228 2.39 11.89 8.39
CA LEU A 228 3.82 11.83 8.67
C LEU A 228 4.13 12.27 10.09
N ARG A 229 3.51 13.36 10.54
CA ARG A 229 3.74 13.86 11.89
C ARG A 229 3.17 12.92 12.94
N ASP A 230 2.05 12.24 12.64
CA ASP A 230 1.49 11.26 13.55
C ASP A 230 2.40 10.04 13.76
N ASN A 231 2.96 9.49 12.67
CA ASN A 231 3.90 8.39 12.77
C ASN A 231 5.13 8.81 13.60
N LEU A 232 5.65 10.02 13.37
CA LEU A 232 6.76 10.55 14.12
C LEU A 232 6.43 10.60 15.62
N THR A 233 5.22 11.05 15.97
CA THR A 233 4.74 11.07 17.34
C THR A 233 4.75 9.67 17.98
N LEU A 234 4.32 8.69 17.19
CA LEU A 234 4.29 7.31 17.61
C LEU A 234 5.70 6.73 17.76
N TRP A 235 6.57 7.00 16.78
CA TRP A 235 7.91 6.40 16.73
C TRP A 235 8.99 7.06 17.60
N THR A 236 8.71 8.24 18.16
CA THR A 236 9.64 8.90 19.09
C THR A 236 8.98 9.11 20.42
N ARG B 1 -11.33 12.63 7.86
CA ARG B 1 -9.90 12.97 7.96
C ARG B 1 -9.34 12.45 9.28
N ASP B 2 -10.08 12.70 10.35
CA ASP B 2 -9.67 12.31 11.68
C ASP B 2 -9.88 10.81 11.89
N LYS B 3 -10.90 10.26 11.22
CA LYS B 3 -11.11 8.83 11.10
C LYS B 3 -9.93 8.15 10.39
N ILE B 4 -9.56 8.71 9.23
CA ILE B 4 -8.40 8.23 8.50
C ILE B 4 -7.17 8.26 9.42
N ARG B 5 -6.97 9.36 10.16
CA ARG B 5 -5.84 9.48 11.04
C ARG B 5 -5.79 8.47 12.20
N LEU B 6 -6.96 8.23 12.81
CA LEU B 6 -7.08 7.32 13.94
C LEU B 6 -6.83 5.88 13.48
N ASN B 7 -7.43 5.49 12.36
CA ASN B 7 -7.18 4.17 11.78
C ASN B 7 -5.68 3.96 11.52
N ASN B 8 -5.04 4.94 10.88
CA ASN B 8 -3.61 4.90 10.65
C ASN B 8 -2.83 4.69 11.94
N ALA B 9 -3.16 5.47 12.98
CA ALA B 9 -2.51 5.33 14.26
C ALA B 9 -2.64 3.92 14.85
N ILE B 10 -3.87 3.36 14.82
CA ILE B 10 -4.11 2.02 15.32
C ILE B 10 -3.31 0.95 14.58
N TRP B 11 -3.35 0.97 13.23
CA TRP B 11 -2.54 0.08 12.40
C TRP B 11 -1.04 0.12 12.68
N ARG B 12 -0.48 1.33 12.86
CA ARG B 12 0.96 1.49 13.05
C ARG B 12 1.38 1.05 14.45
N ALA B 13 0.52 1.35 15.43
CA ALA B 13 0.75 0.97 16.81
C ALA B 13 0.72 -0.55 16.99
N TRP B 14 -0.19 -1.22 16.27
CA TRP B 14 -0.24 -2.68 16.25
C TRP B 14 1.13 -3.31 16.07
N TYR B 15 1.93 -2.78 15.14
CA TYR B 15 3.24 -3.34 14.86
C TYR B 15 4.21 -3.14 16.03
N ILE B 16 4.16 -1.94 16.63
CA ILE B 16 4.99 -1.59 17.76
C ILE B 16 4.70 -2.55 18.92
N GLN B 17 3.40 -2.79 19.17
CA GLN B 17 2.95 -3.60 20.30
C GLN B 17 3.28 -5.07 20.13
N TYR B 18 2.97 -5.62 18.96
CA TYR B 18 3.01 -7.06 18.75
C TYR B 18 4.23 -7.54 17.95
MG MG C . 17.87 14.03 -2.02
MG MG D . -11.83 -1.49 -27.90
MG MG E . 1.01 -19.75 4.27
C14 UH9 F . -3.02 8.93 2.50
C15 UH9 F . -4.12 8.48 3.20
C16 UH9 F . -4.16 7.24 3.80
C13 UH9 F . -1.92 8.10 2.41
C12 UH9 F . -1.94 6.84 3.00
C11 UH9 F . -3.05 6.41 3.70
C4 UH9 F . -4.28 0.17 6.06
C5 UH9 F . -4.93 -0.32 4.94
C2 UH9 F . -2.87 1.94 7.89
O1 UH9 F . -4.15 3.93 7.69
C1 UH9 F . -3.19 3.28 7.27
O2 UH9 F . -2.21 1.03 7.01
C3 UH9 F . -2.93 0.54 5.96
C6 UH9 F . -4.27 -0.46 3.73
C7 UH9 F . -2.94 -0.08 3.62
C8 UH9 F . -2.25 0.43 4.74
P1 UH9 F . -0.51 0.87 4.60
O3 UH9 F . -0.09 0.82 3.12
O4 UH9 F . -0.29 2.30 5.19
O5 UH9 F . 0.33 -0.16 5.40
N1 UH9 F . -2.34 3.71 6.31
C9 UH9 F . -2.38 5.02 5.68
C10 UH9 F . -3.09 5.03 4.34
F1 UH9 F . -2.52 4.08 3.53
F2 UH9 F . -4.36 4.63 4.54
F3 UH9 F . -5.20 9.29 3.31
#